data_3W7K
#
_entry.id   3W7K
#
_cell.length_a   67.964
_cell.length_b   71.627
_cell.length_c   129.710
_cell.angle_alpha   90.000
_cell.angle_beta   90.000
_cell.angle_gamma   90.000
#
_symmetry.space_group_name_H-M   'P 21 21 21'
#
loop_
_entity.id
_entity.type
_entity.pdbx_description
1 polymer 'Dihydroorotate dehydrogenase (fumarate)'
2 non-polymer GLYCEROL
3 non-polymer 'FLAVIN MONONUCLEOTIDE'
4 non-polymer 'COBALT HEXAMMINE(III)'
5 non-polymer '5-[2-(3,6-dimethoxynaphthalen-2-yl)ethyl]-2,6-dioxo-1,2,3,6-tetrahydropyrimidine-4-carboxylic acid'
6 water water
#
_entity_poly.entity_id   1
_entity_poly.type   'polypeptide(L)'
_entity_poly.pdbx_seq_one_letter_code
;MCLKLNLLDHVFANPFMNAAGVLCSTEEDLRCMTASSSGALVSKSCTSAPRDGNPEPRYMAFPLGSINSMGLPNLGFDFY
LKYASDLHDYSKKPLFLSISGLSVEENVAMVRRLAPVAQEKGVLLELNLSCPNVPGKPQVAYDFEAMRTYLQQVSLAYGL
PFGVKMPPYFDIAHFDTAAAVLNEFPLVKFVTCVNSVGNGLVIDAESESVVIKPKQGFGGLGGKYILPTALANVNAFYRR
CPDKLVFGCGGVYSGEDAFLHILAGASMVQVGTALQEEGPGIFTRLEDELLEIMARKGYRTLEEFRGRVKTIE
;
_entity_poly.pdbx_strand_id   A,B
#
# COMPACT_ATOMS: atom_id res chain seq x y z
N MET A 1 -31.27 -20.07 1.09
CA MET A 1 -30.00 -19.23 0.98
C MET A 1 -29.04 -19.64 2.09
N CYS A 2 -27.74 -19.83 1.80
CA CYS A 2 -26.85 -20.25 2.89
C CYS A 2 -25.40 -19.90 2.60
N LEU A 3 -24.66 -19.73 3.70
CA LEU A 3 -23.26 -19.31 3.62
C LEU A 3 -22.31 -20.47 3.84
N LYS A 4 -22.86 -21.67 3.95
CA LYS A 4 -22.05 -22.83 4.28
C LYS A 4 -21.02 -23.15 3.21
N LEU A 5 -19.83 -23.49 3.66
CA LEU A 5 -18.78 -23.94 2.80
C LEU A 5 -18.15 -25.20 3.26
N ASN A 6 -17.56 -25.97 2.33
CA ASN A 6 -16.89 -27.21 2.67
C ASN A 6 -15.65 -27.15 1.90
N LEU A 7 -14.57 -26.95 2.59
CA LEU A 7 -13.25 -26.92 1.97
C LEU A 7 -12.17 -27.48 2.86
N LEU A 8 -11.06 -27.88 2.28
CA LEU A 8 -9.98 -28.47 3.01
C LEU A 8 -10.44 -29.61 3.92
N ASP A 9 -11.45 -30.34 3.46
CA ASP A 9 -12.02 -31.46 4.23
C ASP A 9 -12.63 -31.07 5.57
N HIS A 10 -13.03 -29.80 5.67
CA HIS A 10 -13.79 -29.33 6.78
C HIS A 10 -15.06 -28.69 6.34
N VAL A 11 -15.99 -28.50 7.26
CA VAL A 11 -17.22 -27.82 7.04
C VAL A 11 -17.31 -26.54 7.88
N PHE A 12 -17.72 -25.47 7.21
CA PHE A 12 -17.77 -24.16 7.84
C PHE A 12 -19.18 -23.62 7.74
N ALA A 13 -19.72 -23.09 8.84
CA ALA A 13 -21.06 -22.54 8.80
C ALA A 13 -21.20 -21.30 7.90
N ASN A 14 -20.09 -20.53 7.86
CA ASN A 14 -20.06 -19.30 7.09
C ASN A 14 -18.54 -19.02 6.76
N PRO A 15 -18.27 -18.07 5.92
CA PRO A 15 -16.86 -17.84 5.57
C PRO A 15 -16.07 -17.00 6.52
N PHE A 16 -16.68 -16.51 7.57
CA PHE A 16 -15.99 -15.46 8.40
C PHE A 16 -15.14 -16.07 9.47
N MET A 17 -13.97 -15.45 9.73
CA MET A 17 -13.13 -15.82 10.84
C MET A 17 -12.31 -14.60 11.21
N ASN A 18 -11.72 -14.69 12.37
CA ASN A 18 -10.75 -13.65 12.73
C ASN A 18 -9.58 -13.65 11.84
N ALA A 19 -8.90 -12.48 11.70
CA ALA A 19 -7.54 -12.46 11.13
C ALA A 19 -6.49 -12.83 12.20
N ALA A 20 -5.44 -13.51 11.83
CA ALA A 20 -4.45 -13.83 12.81
C ALA A 20 -3.96 -12.57 13.55
N GLY A 21 -3.81 -12.69 14.86
CA GLY A 21 -3.40 -11.65 15.70
C GLY A 21 -4.49 -11.00 16.44
N VAL A 22 -5.71 -11.01 15.88
CA VAL A 22 -6.83 -10.31 16.57
C VAL A 22 -7.66 -11.36 17.30
N LEU A 23 -7.90 -11.09 18.60
CA LEU A 23 -8.73 -11.89 19.46
C LEU A 23 -8.41 -13.36 19.41
N CYS A 24 -7.11 -13.64 19.41
CA CYS A 24 -6.61 -15.02 19.38
C CYS A 24 -5.62 -15.46 20.50
N SER A 25 -4.91 -14.54 21.15
CA SER A 25 -3.62 -14.79 21.81
C SER A 25 -3.66 -15.64 23.01
N THR A 26 -4.71 -15.53 23.79
CA THR A 26 -4.89 -16.27 25.07
C THR A 26 -5.99 -17.30 24.97
N GLU A 27 -6.07 -18.19 25.95
CA GLU A 27 -7.10 -19.16 26.02
C GLU A 27 -8.46 -18.44 26.05
N GLU A 28 -8.54 -17.37 26.83
CA GLU A 28 -9.75 -16.59 26.91
C GLU A 28 -10.19 -16.11 25.52
N ASP A 29 -9.25 -15.57 24.77
CA ASP A 29 -9.56 -15.06 23.43
C ASP A 29 -10.08 -16.19 22.53
N LEU A 30 -9.37 -17.33 22.53
CA LEU A 30 -9.73 -18.45 21.68
C LEU A 30 -11.09 -19.00 22.05
N ARG A 31 -11.41 -19.07 23.34
CA ARG A 31 -12.77 -19.50 23.78
CA ARG A 31 -12.75 -19.50 23.78
C ARG A 31 -13.80 -18.47 23.28
N CYS A 32 -13.48 -17.19 23.32
CA CYS A 32 -14.43 -16.18 22.83
C CYS A 32 -14.68 -16.30 21.37
N MET A 33 -13.60 -16.47 20.57
CA MET A 33 -13.77 -16.62 19.13
C MET A 33 -14.58 -17.91 18.86
N THR A 34 -14.33 -18.95 19.64
CA THR A 34 -15.09 -20.20 19.49
C THR A 34 -16.58 -20.03 19.78
N ALA A 35 -16.93 -19.25 20.81
CA ALA A 35 -18.31 -19.00 21.22
C ALA A 35 -19.01 -18.08 20.20
N SER A 36 -18.29 -17.31 19.40
CA SER A 36 -18.86 -16.37 18.45
C SER A 36 -19.53 -17.12 17.29
N SER A 37 -20.18 -16.35 16.45
CA SER A 37 -20.82 -16.90 15.26
C SER A 37 -19.88 -17.07 14.09
N SER A 38 -18.58 -16.81 14.27
CA SER A 38 -17.68 -17.04 13.18
C SER A 38 -17.68 -18.45 12.69
N GLY A 39 -17.38 -18.63 11.43
CA GLY A 39 -17.25 -19.93 10.83
C GLY A 39 -16.01 -20.70 11.17
N ALA A 40 -14.96 -19.99 11.54
CA ALA A 40 -13.73 -20.59 11.99
C ALA A 40 -12.92 -19.62 12.87
N LEU A 41 -11.78 -20.03 13.41
CA LEU A 41 -10.86 -19.13 14.07
C LEU A 41 -9.46 -19.53 13.74
N VAL A 42 -8.57 -18.59 13.86
CA VAL A 42 -7.13 -18.78 13.79
C VAL A 42 -6.43 -18.29 15.02
N SER A 43 -5.42 -19.00 15.53
CA SER A 43 -4.62 -18.53 16.66
C SER A 43 -3.52 -17.56 16.29
N LYS A 44 -3.10 -16.75 17.27
CA LYS A 44 -2.05 -15.81 17.17
C LYS A 44 -0.83 -16.46 16.60
N SER A 45 -0.24 -15.80 15.63
CA SER A 45 1.05 -16.32 15.04
C SER A 45 2.00 -16.52 16.20
N CYS A 46 2.61 -17.69 16.24
CA CYS A 46 3.50 -18.04 17.36
C CYS A 46 4.94 -18.34 16.97
N THR A 47 5.75 -18.27 18.03
CA THR A 47 7.18 -18.59 18.00
C THR A 47 7.38 -19.73 18.98
N SER A 48 8.56 -20.39 18.87
CA SER A 48 8.80 -21.48 19.76
C SER A 48 8.72 -21.08 21.22
N ALA A 49 9.32 -19.96 21.53
CA ALA A 49 9.31 -19.43 22.90
C ALA A 49 8.28 -18.31 23.02
N PRO A 50 7.71 -18.18 24.19
CA PRO A 50 6.85 -17.01 24.47
C PRO A 50 7.57 -15.69 24.20
N ARG A 51 6.79 -14.68 23.78
CA ARG A 51 7.32 -13.34 23.56
C ARG A 51 6.42 -12.29 24.19
N ASP A 52 7.02 -11.23 24.78
CA ASP A 52 6.26 -10.11 25.30
C ASP A 52 5.87 -9.11 24.19
N GLY A 53 6.56 -9.14 23.06
CA GLY A 53 6.30 -8.21 21.98
C GLY A 53 6.94 -6.87 22.25
N ASN A 54 6.58 -5.92 21.41
CA ASN A 54 7.18 -4.56 21.43
C ASN A 54 6.60 -3.68 22.54
N PRO A 55 7.30 -2.57 22.84
CA PRO A 55 6.75 -1.66 23.83
C PRO A 55 5.43 -1.01 23.43
N GLU A 56 4.57 -0.73 24.39
CA GLU A 56 3.31 -0.03 24.21
C GLU A 56 3.49 1.48 24.26
N PRO A 57 2.65 2.21 23.55
CA PRO A 57 1.53 1.78 22.73
C PRO A 57 1.99 1.21 21.39
N ARG A 58 1.36 0.12 20.98
CA ARG A 58 1.82 -0.63 19.81
C ARG A 58 0.69 -0.95 18.79
N TYR A 59 -0.51 -0.58 19.15
CA TYR A 59 -1.68 -0.59 18.26
C TYR A 59 -2.51 0.64 18.50
N MET A 60 -2.98 1.23 17.41
CA MET A 60 -3.98 2.29 17.51
C MET A 60 -4.90 2.20 16.33
N ALA A 61 -6.14 2.59 16.56
CA ALA A 61 -7.15 2.65 15.55
C ALA A 61 -7.83 3.94 15.42
N PHE A 62 -8.34 4.15 14.23
CA PHE A 62 -8.92 5.42 13.80
C PHE A 62 -10.04 5.14 12.83
N PRO A 63 -10.77 6.15 12.39
CA PRO A 63 -11.92 5.86 11.56
C PRO A 63 -11.66 5.09 10.27
N LEU A 64 -10.48 5.29 9.67
CA LEU A 64 -10.18 4.62 8.42
C LEU A 64 -9.31 3.37 8.60
N GLY A 65 -9.00 3.01 9.83
CA GLY A 65 -8.18 1.80 10.03
C GLY A 65 -7.30 1.81 11.22
N SER A 66 -6.28 0.98 11.18
CA SER A 66 -5.38 0.77 12.29
C SER A 66 -3.91 0.74 11.82
N ILE A 67 -3.04 0.92 12.81
CA ILE A 67 -1.62 0.73 12.70
C ILE A 67 -1.08 -0.07 13.85
N ASN A 68 -0.19 -0.98 13.57
CA ASN A 68 0.36 -1.81 14.63
C ASN A 68 1.80 -2.13 14.45
N SER A 69 2.50 -2.23 15.56
CA SER A 69 3.83 -2.87 15.59
C SER A 69 3.85 -3.74 16.82
N MET A 70 2.98 -4.75 16.81
CA MET A 70 2.85 -5.58 17.98
C MET A 70 4.16 -6.28 18.37
N GLY A 71 4.90 -6.82 17.39
CA GLY A 71 6.12 -7.53 17.67
C GLY A 71 5.98 -8.99 18.02
N LEU A 72 4.91 -9.62 17.55
CA LEU A 72 4.62 -11.04 17.76
C LEU A 72 4.58 -11.39 19.29
N PRO A 73 3.89 -10.61 20.12
CA PRO A 73 3.61 -11.07 21.50
C PRO A 73 2.75 -12.36 21.41
N ASN A 74 3.17 -13.45 22.05
CA ASN A 74 2.41 -14.69 22.01
C ASN A 74 2.85 -15.60 23.13
N LEU A 75 1.98 -16.59 23.43
CA LEU A 75 2.23 -17.49 24.59
C LEU A 75 3.19 -18.66 24.28
N GLY A 76 3.66 -18.69 23.06
CA GLY A 76 4.63 -19.74 22.61
C GLY A 76 3.89 -20.90 22.02
N PHE A 77 4.57 -21.60 21.14
CA PHE A 77 4.07 -22.74 20.43
C PHE A 77 3.46 -23.78 21.28
N ASP A 78 4.09 -24.13 22.41
CA ASP A 78 3.57 -25.19 23.15
C ASP A 78 2.16 -24.89 23.63
N PHE A 79 1.86 -23.65 23.99
CA PHE A 79 0.49 -23.28 24.36
C PHE A 79 -0.54 -23.48 23.25
N TYR A 80 -0.19 -23.00 22.07
CA TYR A 80 -1.15 -23.07 20.92
C TYR A 80 -1.33 -24.53 20.46
N LEU A 81 -0.25 -25.30 20.59
CA LEU A 81 -0.35 -26.76 20.32
C LEU A 81 -1.24 -27.47 21.26
N LYS A 82 -1.13 -27.14 22.55
CA LYS A 82 -2.03 -27.66 23.58
C LYS A 82 -3.44 -27.27 23.37
N TYR A 83 -3.66 -26.02 23.00
CA TYR A 83 -5.02 -25.60 22.69
C TYR A 83 -5.63 -26.48 21.57
N ALA A 84 -4.83 -26.67 20.51
CA ALA A 84 -5.26 -27.46 19.34
C ALA A 84 -5.49 -28.94 19.71
N SER A 85 -4.62 -29.45 20.55
CA SER A 85 -4.61 -30.89 20.83
C SER A 85 -5.61 -31.25 21.94
N ASP A 86 -5.86 -30.41 22.96
CA ASP A 86 -6.59 -30.75 24.16
C ASP A 86 -7.76 -29.84 24.48
N LEU A 87 -7.75 -28.56 24.07
CA LEU A 87 -8.78 -27.61 24.56
C LEU A 87 -9.83 -27.21 23.55
N HIS A 88 -9.46 -27.13 22.27
CA HIS A 88 -10.43 -26.66 21.26
C HIS A 88 -11.53 -27.72 21.05
N ASP A 89 -12.77 -27.22 20.98
CA ASP A 89 -13.91 -28.02 20.64
C ASP A 89 -14.15 -27.92 19.13
N TYR A 90 -13.67 -28.92 18.40
CA TYR A 90 -13.82 -29.04 16.96
C TYR A 90 -15.27 -29.24 16.49
N SER A 91 -16.15 -29.56 17.42
CA SER A 91 -17.54 -29.70 17.07
C SER A 91 -18.16 -28.31 16.85
N LYS A 92 -17.56 -27.25 17.39
CA LYS A 92 -18.10 -25.93 17.24
C LYS A 92 -17.69 -25.35 15.86
N LYS A 93 -16.40 -25.42 15.53
CA LYS A 93 -15.88 -24.89 14.29
C LYS A 93 -14.43 -25.29 14.07
N PRO A 94 -13.94 -25.20 12.84
CA PRO A 94 -12.55 -25.51 12.62
C PRO A 94 -11.57 -24.47 13.16
N LEU A 95 -10.41 -24.99 13.47
CA LEU A 95 -9.31 -24.22 13.97
C LEU A 95 -8.17 -24.19 13.01
N PHE A 96 -7.65 -23.00 12.78
CA PHE A 96 -6.31 -22.82 12.13
C PHE A 96 -5.28 -22.39 13.17
N LEU A 97 -4.03 -22.85 13.01
CA LEU A 97 -2.95 -22.45 13.88
C LEU A 97 -1.96 -21.74 13.01
N SER A 98 -1.67 -20.47 13.38
CA SER A 98 -0.70 -19.67 12.63
C SER A 98 0.68 -19.74 13.25
N ILE A 99 1.71 -19.97 12.48
CA ILE A 99 3.06 -19.92 12.93
C ILE A 99 3.88 -18.87 12.26
N SER A 100 4.79 -18.30 13.02
CA SER A 100 5.66 -17.24 12.53
C SER A 100 7.03 -17.24 13.16
N GLY A 101 7.71 -18.37 12.96
CA GLY A 101 9.16 -18.49 13.43
C GLY A 101 10.04 -17.44 12.80
N LEU A 102 11.08 -17.14 13.54
CA LEU A 102 12.00 -16.08 13.18
C LEU A 102 13.09 -16.57 12.21
N SER A 103 13.09 -17.86 11.96
CA SER A 103 14.02 -18.48 11.04
C SER A 103 13.38 -19.68 10.46
N VAL A 104 13.95 -20.18 9.34
CA VAL A 104 13.37 -21.37 8.73
C VAL A 104 13.49 -22.58 9.69
N GLU A 105 14.61 -22.71 10.45
CA GLU A 105 14.75 -23.80 11.41
C GLU A 105 13.70 -23.83 12.55
N GLU A 106 13.35 -22.63 13.03
CA GLU A 106 12.29 -22.50 14.04
C GLU A 106 10.95 -22.98 13.48
N ASN A 107 10.65 -22.56 12.24
CA ASN A 107 9.36 -22.98 11.64
C ASN A 107 9.32 -24.50 11.41
N VAL A 108 10.46 -25.08 10.94
CA VAL A 108 10.48 -26.50 10.75
C VAL A 108 10.28 -27.25 12.07
N ALA A 109 10.89 -26.77 13.15
CA ALA A 109 10.76 -27.45 14.42
C ALA A 109 9.32 -27.47 14.91
N MET A 110 8.64 -26.36 14.69
CA MET A 110 7.23 -26.29 15.08
C MET A 110 6.37 -27.18 14.20
N VAL A 111 6.53 -27.13 12.88
CA VAL A 111 5.61 -27.93 12.02
C VAL A 111 5.83 -29.45 12.16
N ARG A 112 7.04 -29.82 12.51
CA ARG A 112 7.27 -31.23 12.84
C ARG A 112 6.42 -31.72 13.99
N ARG A 113 6.36 -30.86 15.01
CA ARG A 113 5.52 -31.07 16.19
C ARG A 113 4.02 -31.02 15.91
N LEU A 114 3.61 -30.05 15.09
CA LEU A 114 2.21 -29.86 14.78
C LEU A 114 1.57 -31.00 13.96
N ALA A 115 2.39 -31.60 13.09
CA ALA A 115 1.90 -32.62 12.15
C ALA A 115 1.01 -33.68 12.76
N PRO A 116 1.46 -34.40 13.83
CA PRO A 116 0.59 -35.43 14.36
C PRO A 116 -0.73 -34.93 14.97
N VAL A 117 -0.76 -33.67 15.47
CA VAL A 117 -1.97 -33.12 15.95
C VAL A 117 -2.89 -32.70 14.78
N ALA A 118 -2.32 -32.15 13.75
CA ALA A 118 -3.03 -31.88 12.51
C ALA A 118 -3.67 -33.12 11.93
N GLN A 119 -2.90 -34.19 11.86
CA GLN A 119 -3.45 -35.48 11.41
C GLN A 119 -4.57 -36.00 12.31
N GLU A 120 -4.37 -35.98 13.62
CA GLU A 120 -5.36 -36.53 14.53
C GLU A 120 -6.59 -35.68 14.75
N LYS A 121 -6.39 -34.37 14.90
CA LYS A 121 -7.52 -33.48 15.30
C LYS A 121 -8.06 -32.61 14.13
N GLY A 122 -7.26 -32.44 13.12
CA GLY A 122 -7.66 -31.67 11.93
C GLY A 122 -7.40 -30.16 12.02
N VAL A 123 -6.64 -29.73 13.02
CA VAL A 123 -6.16 -28.35 12.99
C VAL A 123 -5.45 -28.06 11.72
N LEU A 124 -5.64 -26.84 11.17
CA LEU A 124 -5.06 -26.43 9.92
C LEU A 124 -3.95 -25.45 10.08
N LEU A 125 -2.84 -25.63 9.39
CA LEU A 125 -1.74 -24.72 9.49
C LEU A 125 -1.79 -23.57 8.54
N GLU A 126 -1.59 -22.33 9.07
CA GLU A 126 -1.36 -21.11 8.28
C GLU A 126 0.04 -20.63 8.62
N LEU A 127 0.96 -20.71 7.64
CA LEU A 127 2.31 -20.22 7.79
C LEU A 127 2.47 -18.78 7.43
N ASN A 128 2.89 -17.92 8.38
CA ASN A 128 3.07 -16.53 8.15
C ASN A 128 4.35 -16.18 7.44
N LEU A 129 4.22 -15.80 6.17
CA LEU A 129 5.42 -15.39 5.36
C LEU A 129 5.69 -13.93 5.36
N SER A 130 4.71 -13.18 5.86
CA SER A 130 4.90 -11.76 6.01
CA SER A 130 4.74 -11.73 6.05
C SER A 130 5.34 -11.53 7.43
N CYS A 131 6.66 -11.76 7.54
CA CYS A 131 7.23 -11.89 8.78
C CYS A 131 8.79 -11.59 8.62
N PRO A 132 9.46 -11.08 9.64
CA PRO A 132 10.93 -10.95 9.62
C PRO A 132 11.83 -12.17 9.42
N ASN A 133 12.82 -11.90 8.58
CA ASN A 133 13.96 -12.77 8.36
C ASN A 133 15.17 -12.07 8.97
N VAL A 134 16.33 -12.22 8.33
CA VAL A 134 17.52 -11.56 8.82
C VAL A 134 17.32 -10.05 8.86
N PRO A 135 17.61 -9.35 9.95
CA PRO A 135 17.46 -7.89 9.83
C PRO A 135 18.35 -7.22 8.75
N GLY A 136 17.79 -6.22 8.04
CA GLY A 136 18.35 -5.57 6.83
C GLY A 136 18.06 -6.29 5.51
N LYS A 137 17.38 -7.43 5.64
CA LYS A 137 16.75 -8.07 4.48
C LYS A 137 15.23 -7.80 4.57
N PRO A 138 14.61 -7.79 3.42
CA PRO A 138 13.14 -7.66 3.40
C PRO A 138 12.46 -8.81 4.10
N GLN A 139 11.21 -8.59 4.52
CA GLN A 139 10.43 -9.69 5.09
C GLN A 139 10.43 -10.88 4.14
N VAL A 140 10.15 -12.08 4.68
CA VAL A 140 10.35 -13.32 3.92
C VAL A 140 9.65 -13.35 2.54
N ALA A 141 8.40 -12.90 2.47
CA ALA A 141 7.66 -12.96 1.24
C ALA A 141 8.02 -11.87 0.22
N TYR A 142 8.88 -10.92 0.61
CA TYR A 142 9.43 -9.96 -0.33
C TYR A 142 10.84 -10.35 -0.72
N ASP A 143 11.25 -11.58 -0.37
CA ASP A 143 12.56 -12.15 -0.76
C ASP A 143 12.28 -13.52 -1.31
N PHE A 144 12.13 -13.59 -2.62
CA PHE A 144 11.54 -14.77 -3.25
C PHE A 144 12.41 -15.98 -3.08
N GLU A 145 13.72 -15.78 -3.04
CA GLU A 145 14.57 -16.94 -2.68
C GLU A 145 14.35 -17.48 -1.25
N ALA A 146 14.25 -16.59 -0.24
CA ALA A 146 13.98 -17.05 1.10
C ALA A 146 12.58 -17.72 1.13
N MET A 147 11.62 -17.16 0.39
CA MET A 147 10.26 -17.68 0.39
C MET A 147 10.19 -19.10 -0.17
N ARG A 148 10.94 -19.36 -1.23
CA ARG A 148 11.06 -20.71 -1.80
C ARG A 148 11.72 -21.67 -0.78
N THR A 149 12.77 -21.19 -0.12
CA THR A 149 13.44 -22.00 0.93
C THR A 149 12.49 -22.39 2.07
N TYR A 150 11.74 -21.41 2.53
CA TYR A 150 10.88 -21.70 3.62
C TYR A 150 9.85 -22.73 3.21
N LEU A 151 9.25 -22.59 2.00
CA LEU A 151 8.20 -23.53 1.58
C LEU A 151 8.69 -24.96 1.30
N GLN A 152 9.93 -25.04 0.80
CA GLN A 152 10.54 -26.35 0.56
C GLN A 152 10.75 -27.12 1.91
N GLN A 153 11.29 -26.38 2.89
CA GLN A 153 11.62 -26.99 4.20
CA GLN A 153 11.61 -27.00 4.17
C GLN A 153 10.38 -27.33 5.00
N VAL A 154 9.40 -26.42 5.01
CA VAL A 154 8.18 -26.69 5.66
C VAL A 154 7.42 -27.79 4.97
N SER A 155 7.37 -27.82 3.64
CA SER A 155 6.66 -28.90 2.96
C SER A 155 7.23 -30.27 3.34
N LEU A 156 8.55 -30.34 3.34
CA LEU A 156 9.23 -31.62 3.72
C LEU A 156 8.97 -32.04 5.15
N ALA A 157 9.04 -31.10 6.07
CA ALA A 157 8.91 -31.30 7.52
C ALA A 157 7.52 -31.57 7.94
N TYR A 158 6.53 -30.98 7.24
CA TYR A 158 5.15 -31.12 7.67
C TYR A 158 4.39 -32.30 7.00
N GLY A 159 4.45 -32.28 5.67
CA GLY A 159 3.94 -33.33 4.82
C GLY A 159 2.44 -33.43 4.70
N LEU A 160 1.72 -32.35 5.05
CA LEU A 160 0.26 -32.32 5.05
C LEU A 160 -0.13 -30.96 4.38
N PRO A 161 -1.36 -30.88 3.90
CA PRO A 161 -1.85 -29.61 3.31
C PRO A 161 -1.74 -28.48 4.36
N PHE A 162 -1.29 -27.33 3.87
CA PHE A 162 -1.20 -26.13 4.70
C PHE A 162 -1.55 -24.92 3.89
N GLY A 163 -1.60 -23.76 4.53
CA GLY A 163 -1.66 -22.51 3.76
C GLY A 163 -0.68 -21.48 4.21
N VAL A 164 -0.63 -20.39 3.50
CA VAL A 164 0.31 -19.36 3.68
C VAL A 164 -0.40 -18.01 3.81
N LYS A 165 0.13 -17.17 4.69
CA LYS A 165 -0.35 -15.77 4.82
C LYS A 165 0.63 -14.87 4.13
N MET A 166 0.15 -14.11 3.15
CA MET A 166 1.03 -13.27 2.32
C MET A 166 0.92 -11.78 2.61
N PRO A 167 2.00 -11.05 2.48
CA PRO A 167 1.93 -9.64 2.46
C PRO A 167 1.30 -9.18 1.14
N PRO A 168 0.86 -7.96 1.07
CA PRO A 168 0.41 -7.39 -0.21
C PRO A 168 1.58 -7.08 -1.10
N TYR A 169 1.33 -7.31 -2.37
CA TYR A 169 2.19 -6.87 -3.46
C TYR A 169 1.55 -5.73 -4.28
N PHE A 170 2.37 -4.97 -5.00
CA PHE A 170 1.96 -3.76 -5.66
C PHE A 170 2.39 -3.69 -7.16
N ASP A 171 3.10 -4.68 -7.57
CA ASP A 171 3.75 -4.68 -8.92
C ASP A 171 3.28 -6.02 -9.53
N ILE A 172 2.84 -5.99 -10.76
CA ILE A 172 2.37 -7.17 -11.48
C ILE A 172 3.51 -8.19 -11.57
N ALA A 173 4.74 -7.69 -11.73
CA ALA A 173 5.86 -8.67 -11.78
C ALA A 173 6.02 -9.48 -10.48
N HIS A 174 5.70 -8.87 -9.33
CA HIS A 174 5.70 -9.52 -8.05
C HIS A 174 4.54 -10.51 -7.93
N PHE A 175 3.34 -10.15 -8.44
CA PHE A 175 2.29 -11.10 -8.45
C PHE A 175 2.72 -12.34 -9.23
N ASP A 176 3.33 -12.10 -10.36
CA ASP A 176 3.67 -13.22 -11.23
C ASP A 176 4.69 -14.12 -10.58
N THR A 177 5.72 -13.50 -10.05
CA THR A 177 6.82 -14.28 -9.39
C THR A 177 6.32 -15.04 -8.14
N ALA A 178 5.58 -14.33 -7.28
CA ALA A 178 5.15 -14.92 -6.05
C ALA A 178 4.21 -16.10 -6.30
N ALA A 179 3.25 -15.92 -7.20
CA ALA A 179 2.36 -16.98 -7.54
C ALA A 179 3.07 -18.16 -8.12
N ALA A 180 4.07 -17.90 -8.91
CA ALA A 180 4.81 -19.01 -9.50
C ALA A 180 5.55 -19.81 -8.40
N VAL A 181 6.14 -19.13 -7.41
CA VAL A 181 6.78 -19.79 -6.26
C VAL A 181 5.74 -20.64 -5.56
N LEU A 182 4.58 -20.07 -5.21
CA LEU A 182 3.57 -20.86 -4.57
C LEU A 182 3.12 -22.08 -5.32
N ASN A 183 3.01 -21.96 -6.67
CA ASN A 183 2.52 -23.03 -7.46
C ASN A 183 3.57 -24.19 -7.60
N GLU A 184 4.80 -23.93 -7.15
CA GLU A 184 5.82 -25.02 -7.03
C GLU A 184 5.48 -26.02 -5.91
N PHE A 185 4.57 -25.66 -4.98
CA PHE A 185 4.34 -26.42 -3.73
C PHE A 185 2.93 -26.90 -3.67
N PRO A 186 2.72 -28.15 -4.06
CA PRO A 186 1.42 -28.73 -4.02
C PRO A 186 0.69 -28.81 -2.63
N LEU A 187 1.47 -28.83 -1.57
CA LEU A 187 0.90 -28.93 -0.24
C LEU A 187 0.34 -27.55 0.19
N VAL A 188 0.65 -26.49 -0.53
CA VAL A 188 0.09 -25.19 -0.20
C VAL A 188 -1.30 -25.14 -0.81
N LYS A 189 -2.33 -25.37 0.02
CA LYS A 189 -3.68 -25.54 -0.47
C LYS A 189 -4.46 -24.22 -0.39
N PHE A 190 -4.02 -23.30 0.44
CA PHE A 190 -4.76 -21.99 0.55
C PHE A 190 -3.75 -20.89 0.69
N VAL A 191 -4.09 -19.68 0.18
CA VAL A 191 -3.18 -18.53 0.24
C VAL A 191 -4.09 -17.43 0.85
N THR A 192 -3.65 -16.85 1.93
CA THR A 192 -4.42 -15.77 2.57
C THR A 192 -3.79 -14.44 2.20
N CYS A 193 -4.58 -13.61 1.52
CA CYS A 193 -4.23 -12.30 1.01
C CYS A 193 -5.15 -11.27 1.62
N VAL A 194 -4.70 -10.37 2.53
CA VAL A 194 -3.33 -9.97 2.72
C VAL A 194 -3.10 -9.72 4.20
N ASN A 195 -1.83 -9.79 4.58
CA ASN A 195 -1.30 -9.19 5.86
C ASN A 195 -1.38 -7.64 5.79
N SER A 196 -0.99 -6.98 6.87
CA SER A 196 -0.99 -5.52 6.90
C SER A 196 -0.13 -4.91 5.84
N VAL A 197 -0.49 -3.69 5.41
CA VAL A 197 0.27 -2.93 4.45
C VAL A 197 1.48 -2.33 5.27
N GLY A 198 2.68 -2.74 4.89
CA GLY A 198 3.83 -2.52 5.77
C GLY A 198 4.28 -1.06 5.89
N ASN A 199 4.76 -0.80 7.10
CA ASN A 199 5.49 0.47 7.41
C ASN A 199 4.80 1.68 6.89
N GLY A 200 3.53 1.82 7.29
CA GLY A 200 2.86 3.05 7.23
C GLY A 200 3.21 3.93 8.44
N LEU A 201 2.78 5.18 8.47
CA LEU A 201 3.08 6.10 9.57
C LEU A 201 1.87 6.97 9.79
N VAL A 202 1.25 6.87 10.95
CA VAL A 202 0.16 7.74 11.41
C VAL A 202 0.73 8.79 12.33
N ILE A 203 0.33 10.01 12.03
CA ILE A 203 0.71 11.19 12.80
C ILE A 203 -0.50 11.93 13.32
N ASP A 204 -0.47 12.21 14.61
CA ASP A 204 -1.55 12.97 15.25
C ASP A 204 -1.25 14.49 15.13
N ALA A 205 -2.11 15.24 14.49
CA ALA A 205 -1.83 16.66 14.24
C ALA A 205 -1.76 17.47 15.51
N GLU A 206 -2.64 17.19 16.46
CA GLU A 206 -2.72 18.04 17.68
C GLU A 206 -1.42 17.89 18.52
N SER A 207 -0.97 16.66 18.69
CA SER A 207 0.22 16.39 19.47
C SER A 207 1.52 16.42 18.70
N GLU A 208 1.38 16.45 17.37
CA GLU A 208 2.55 16.43 16.47
C GLU A 208 3.41 15.25 16.60
N SER A 209 2.81 14.14 16.99
CA SER A 209 3.53 12.93 17.34
C SER A 209 2.98 11.73 16.59
N VAL A 210 3.89 10.80 16.29
CA VAL A 210 3.49 9.45 15.92
C VAL A 210 2.62 8.85 17.04
N VAL A 211 1.91 7.78 16.71
CA VAL A 211 0.87 7.26 17.64
C VAL A 211 1.23 5.90 18.24
N ILE A 212 2.26 5.24 17.73
CA ILE A 212 2.82 4.07 18.33
C ILE A 212 4.28 4.25 18.61
N LYS A 213 4.75 3.55 19.64
CA LYS A 213 6.10 3.69 20.11
C LYS A 213 7.15 2.94 19.32
N PRO A 214 7.00 1.67 19.01
CA PRO A 214 8.06 0.99 18.28
C PRO A 214 8.42 1.65 16.94
N LYS A 215 9.66 1.41 16.50
CA LYS A 215 10.11 1.69 15.14
C LYS A 215 9.78 3.14 14.69
N GLN A 216 9.88 4.11 15.63
CA GLN A 216 9.68 5.53 15.38
C GLN A 216 8.28 5.79 14.77
N GLY A 217 7.32 4.93 15.12
CA GLY A 217 5.96 5.15 14.71
C GLY A 217 5.55 4.33 13.50
N PHE A 218 6.48 3.67 12.84
CA PHE A 218 6.16 2.92 11.62
C PHE A 218 5.51 1.58 11.98
N GLY A 219 4.44 1.23 11.28
CA GLY A 219 3.80 -0.06 11.54
C GLY A 219 2.87 -0.43 10.46
N GLY A 220 2.36 -1.68 10.59
CA GLY A 220 1.53 -2.17 9.49
C GLY A 220 0.11 -1.62 9.57
N LEU A 221 -0.44 -1.36 8.37
CA LEU A 221 -1.75 -0.76 8.27
C LEU A 221 -2.83 -1.79 8.00
N GLY A 222 -3.97 -1.63 8.61
CA GLY A 222 -5.14 -2.40 8.32
C GLY A 222 -6.36 -1.52 8.20
N GLY A 223 -7.46 -2.12 7.82
CA GLY A 223 -8.72 -1.51 7.81
C GLY A 223 -9.13 -0.89 6.49
N LYS A 224 -9.92 0.19 6.55
CA LYS A 224 -10.46 0.79 5.31
C LYS A 224 -9.41 1.29 4.36
N TYR A 225 -8.23 1.66 4.87
CA TYR A 225 -7.10 2.07 4.04
C TYR A 225 -6.73 1.03 2.95
N ILE A 226 -6.91 -0.25 3.32
CA ILE A 226 -6.27 -1.34 2.55
C ILE A 226 -7.24 -2.21 1.72
N LEU A 227 -8.54 -1.90 1.71
CA LEU A 227 -9.49 -2.79 1.01
C LEU A 227 -9.13 -2.94 -0.47
N PRO A 228 -8.90 -1.82 -1.23
CA PRO A 228 -8.59 -2.07 -2.69
C PRO A 228 -7.29 -2.81 -2.91
N THR A 229 -6.27 -2.64 -2.04
CA THR A 229 -5.06 -3.41 -2.07
C THR A 229 -5.38 -4.93 -1.84
N ALA A 230 -6.19 -5.17 -0.80
CA ALA A 230 -6.56 -6.56 -0.44
C ALA A 230 -7.30 -7.24 -1.60
N LEU A 231 -8.29 -6.59 -2.15
CA LEU A 231 -9.04 -7.09 -3.27
C LEU A 231 -8.12 -7.43 -4.42
N ALA A 232 -7.18 -6.54 -4.75
CA ALA A 232 -6.31 -6.77 -5.87
C ALA A 232 -5.49 -8.02 -5.64
N ASN A 233 -4.96 -8.20 -4.45
CA ASN A 233 -4.18 -9.32 -4.15
C ASN A 233 -5.01 -10.60 -4.19
N VAL A 234 -6.18 -10.58 -3.58
CA VAL A 234 -7.06 -11.78 -3.65
C VAL A 234 -7.23 -12.14 -5.13
N ASN A 235 -7.60 -11.21 -5.94
CA ASN A 235 -7.97 -11.51 -7.33
C ASN A 235 -6.73 -11.97 -8.12
N ALA A 236 -5.62 -11.29 -7.89
CA ALA A 236 -4.35 -11.64 -8.59
C ALA A 236 -3.95 -13.10 -8.29
N PHE A 237 -3.98 -13.52 -7.03
CA PHE A 237 -3.72 -14.94 -6.71
C PHE A 237 -4.78 -15.87 -7.14
N TYR A 238 -6.03 -15.50 -7.05
CA TYR A 238 -7.19 -16.32 -7.51
C TYR A 238 -6.97 -16.67 -8.97
N ARG A 239 -6.53 -15.69 -9.75
CA ARG A 239 -6.32 -15.86 -11.25
C ARG A 239 -5.09 -16.72 -11.48
N ARG A 240 -4.09 -16.58 -10.67
CA ARG A 240 -2.77 -17.22 -10.94
C ARG A 240 -2.63 -18.53 -10.25
N CYS A 241 -3.49 -18.85 -9.28
CA CYS A 241 -3.40 -20.16 -8.59
C CYS A 241 -4.62 -20.93 -8.63
N PRO A 242 -4.92 -21.48 -9.83
CA PRO A 242 -6.21 -22.07 -10.00
C PRO A 242 -6.43 -23.40 -9.24
N ASP A 243 -5.39 -24.01 -8.77
CA ASP A 243 -5.49 -25.20 -7.98
C ASP A 243 -5.37 -24.96 -6.48
N LYS A 244 -5.42 -23.69 -6.01
CA LYS A 244 -5.37 -23.36 -4.59
C LYS A 244 -6.64 -22.58 -4.25
N LEU A 245 -6.98 -22.53 -2.99
CA LEU A 245 -8.01 -21.60 -2.49
C LEU A 245 -7.30 -20.32 -2.14
N VAL A 246 -8.07 -19.21 -2.15
CA VAL A 246 -7.57 -17.92 -1.67
C VAL A 246 -8.50 -17.49 -0.57
N PHE A 247 -7.95 -17.12 0.58
CA PHE A 247 -8.72 -16.54 1.63
C PHE A 247 -8.47 -15.02 1.62
N GLY A 248 -9.55 -14.23 1.77
CA GLY A 248 -9.33 -12.82 1.76
C GLY A 248 -9.26 -12.22 3.12
N CYS A 249 -8.40 -11.23 3.27
CA CYS A 249 -8.23 -10.54 4.52
C CYS A 249 -7.85 -9.10 4.13
N GLY A 250 -8.51 -8.14 4.68
CA GLY A 250 -8.15 -6.72 4.58
C GLY A 250 -9.36 -5.84 4.33
N GLY A 251 -9.60 -4.93 5.26
CA GLY A 251 -10.66 -3.96 5.02
C GLY A 251 -12.06 -4.41 5.13
N VAL A 252 -12.32 -5.54 5.78
CA VAL A 252 -13.71 -6.00 5.91
C VAL A 252 -14.35 -5.38 7.14
N TYR A 253 -15.35 -4.50 6.92
CA TYR A 253 -16.21 -3.97 7.96
C TYR A 253 -17.69 -4.25 7.79
N SER A 254 -18.07 -4.82 6.68
CA SER A 254 -19.48 -5.00 6.37
C SER A 254 -19.64 -6.22 5.49
N GLY A 255 -20.87 -6.68 5.36
CA GLY A 255 -21.17 -7.79 4.44
C GLY A 255 -20.89 -7.36 3.00
N GLU A 256 -21.03 -6.10 2.63
CA GLU A 256 -20.70 -5.64 1.31
C GLU A 256 -19.22 -5.83 1.03
N ASP A 257 -18.38 -5.49 2.04
CA ASP A 257 -16.94 -5.65 1.83
C ASP A 257 -16.60 -7.14 1.64
N ALA A 258 -17.25 -7.99 2.42
CA ALA A 258 -17.08 -9.44 2.28
C ALA A 258 -17.49 -9.93 0.93
N PHE A 259 -18.67 -9.45 0.46
CA PHE A 259 -19.11 -9.76 -0.89
C PHE A 259 -18.11 -9.42 -1.97
N LEU A 260 -17.48 -8.23 -1.85
CA LEU A 260 -16.45 -7.86 -2.78
C LEU A 260 -15.25 -8.84 -2.75
N HIS A 261 -14.77 -9.17 -1.54
CA HIS A 261 -13.78 -10.23 -1.40
C HIS A 261 -14.12 -11.52 -2.11
N ILE A 262 -15.36 -11.94 -1.91
CA ILE A 262 -15.79 -13.22 -2.47
C ILE A 262 -15.84 -13.07 -4.03
N LEU A 263 -16.40 -11.98 -4.52
CA LEU A 263 -16.39 -11.73 -5.99
C LEU A 263 -14.99 -11.73 -6.57
N ALA A 264 -13.99 -11.27 -5.80
CA ALA A 264 -12.60 -11.30 -6.18
C ALA A 264 -12.00 -12.68 -6.16
N GLY A 265 -12.61 -13.58 -5.45
CA GLY A 265 -12.18 -14.97 -5.41
C GLY A 265 -12.02 -15.56 -4.03
N ALA A 266 -12.31 -14.82 -2.97
CA ALA A 266 -12.12 -15.35 -1.63
C ALA A 266 -13.05 -16.54 -1.28
N SER A 267 -12.49 -17.54 -0.58
CA SER A 267 -13.27 -18.65 0.01
C SER A 267 -13.58 -18.64 1.53
N MET A 268 -12.63 -18.19 2.37
CA MET A 268 -12.89 -17.63 3.66
C MET A 268 -12.53 -16.12 3.58
N VAL A 269 -13.14 -15.41 4.54
CA VAL A 269 -12.97 -13.94 4.66
C VAL A 269 -12.61 -13.69 6.10
N GLN A 270 -11.44 -13.10 6.32
CA GLN A 270 -10.90 -12.87 7.68
C GLN A 270 -11.11 -11.37 8.01
N VAL A 271 -11.31 -11.11 9.30
CA VAL A 271 -11.67 -9.83 9.89
C VAL A 271 -10.68 -9.50 10.96
N GLY A 272 -9.91 -8.42 10.73
CA GLY A 272 -8.86 -7.98 11.68
C GLY A 272 -9.31 -6.70 12.40
N THR A 273 -8.90 -5.57 11.87
CA THR A 273 -9.21 -4.25 12.50
C THR A 273 -10.65 -4.11 12.88
N ALA A 274 -11.58 -4.46 12.02
CA ALA A 274 -13.00 -4.19 12.42
C ALA A 274 -13.44 -5.03 13.59
N LEU A 275 -12.90 -6.26 13.71
CA LEU A 275 -13.16 -7.14 14.83
C LEU A 275 -12.50 -6.59 16.08
N GLN A 276 -11.25 -6.14 16.00
CA GLN A 276 -10.57 -5.50 17.10
C GLN A 276 -11.37 -4.33 17.63
N GLU A 277 -12.02 -3.60 16.78
CA GLU A 277 -12.74 -2.44 17.14
C GLU A 277 -14.15 -2.67 17.63
N GLU A 278 -14.88 -3.58 16.97
CA GLU A 278 -16.29 -3.83 17.28
C GLU A 278 -16.53 -5.02 18.20
N GLY A 279 -15.60 -5.98 18.25
CA GLY A 279 -15.80 -7.18 18.98
C GLY A 279 -16.53 -8.26 18.24
N PRO A 280 -16.62 -9.44 18.86
CA PRO A 280 -17.07 -10.63 18.15
C PRO A 280 -18.51 -10.62 17.72
N GLY A 281 -19.31 -9.69 18.25
CA GLY A 281 -20.67 -9.48 17.70
C GLY A 281 -20.63 -9.13 16.24
N ILE A 282 -19.51 -8.65 15.68
CA ILE A 282 -19.42 -8.35 14.28
C ILE A 282 -19.85 -9.49 13.41
N PHE A 283 -19.56 -10.74 13.82
CA PHE A 283 -19.82 -11.84 12.93
C PHE A 283 -21.31 -12.01 12.64
N THR A 284 -22.20 -11.76 13.58
CA THR A 284 -23.61 -11.91 13.28
C THR A 284 -24.05 -10.82 12.29
N ARG A 285 -23.53 -9.61 12.44
CA ARG A 285 -23.80 -8.51 11.58
C ARG A 285 -23.32 -8.77 10.18
N LEU A 286 -22.12 -9.30 10.01
CA LEU A 286 -21.54 -9.55 8.69
C LEU A 286 -22.37 -10.66 7.98
N GLU A 287 -22.73 -11.67 8.71
CA GLU A 287 -23.58 -12.77 8.21
C GLU A 287 -24.92 -12.23 7.71
N ASP A 288 -25.54 -11.45 8.55
CA ASP A 288 -26.87 -10.89 8.13
C ASP A 288 -26.72 -9.98 6.88
N GLU A 289 -25.71 -9.10 6.86
CA GLU A 289 -25.49 -8.20 5.74
C GLU A 289 -25.16 -8.91 4.45
N LEU A 290 -24.36 -9.97 4.53
CA LEU A 290 -24.01 -10.72 3.37
C LEU A 290 -25.25 -11.45 2.80
N LEU A 291 -26.03 -12.04 3.68
CA LEU A 291 -27.27 -12.75 3.27
C LEU A 291 -28.22 -11.75 2.70
N GLU A 292 -28.28 -10.51 3.20
CA GLU A 292 -29.17 -9.55 2.59
C GLU A 292 -28.78 -9.22 1.18
N ILE A 293 -27.48 -9.00 0.91
CA ILE A 293 -27.02 -8.74 -0.45
C ILE A 293 -27.31 -9.91 -1.35
N MET A 294 -27.07 -11.12 -0.90
CA MET A 294 -27.38 -12.33 -1.66
C MET A 294 -28.86 -12.38 -1.97
N ALA A 295 -29.69 -12.06 -1.01
CA ALA A 295 -31.18 -12.17 -1.23
C ALA A 295 -31.58 -11.18 -2.31
N ARG A 296 -31.07 -9.94 -2.28
CA ARG A 296 -31.42 -8.87 -3.25
C ARG A 296 -31.00 -9.24 -4.65
N LYS A 297 -29.91 -9.98 -4.78
CA LYS A 297 -29.34 -10.37 -6.06
C LYS A 297 -29.79 -11.75 -6.55
N GLY A 298 -30.51 -12.45 -5.75
CA GLY A 298 -30.94 -13.80 -6.10
C GLY A 298 -29.92 -14.89 -5.98
N TYR A 299 -28.84 -14.69 -5.20
CA TYR A 299 -27.82 -15.72 -5.03
C TYR A 299 -28.16 -16.58 -3.83
N ARG A 300 -28.10 -17.90 -4.03
CA ARG A 300 -28.45 -18.79 -2.95
C ARG A 300 -27.23 -19.38 -2.22
N THR A 301 -26.09 -19.41 -2.86
CA THR A 301 -24.87 -19.93 -2.31
C THR A 301 -23.66 -19.03 -2.73
N LEU A 302 -22.58 -19.20 -1.99
CA LEU A 302 -21.35 -18.46 -2.24
C LEU A 302 -20.68 -18.81 -3.55
N GLU A 303 -20.78 -20.07 -3.96
CA GLU A 303 -20.19 -20.47 -5.21
C GLU A 303 -20.86 -19.86 -6.42
N GLU A 304 -22.08 -19.38 -6.30
CA GLU A 304 -22.72 -18.73 -7.42
C GLU A 304 -21.99 -17.44 -7.85
N PHE A 305 -21.26 -16.79 -6.94
CA PHE A 305 -20.56 -15.55 -7.29
C PHE A 305 -19.11 -15.47 -6.95
N ARG A 306 -18.57 -16.49 -6.28
CA ARG A 306 -17.15 -16.46 -5.96
C ARG A 306 -16.28 -16.37 -7.18
N GLY A 307 -15.40 -15.36 -7.22
CA GLY A 307 -14.48 -15.19 -8.31
C GLY A 307 -15.15 -14.66 -9.57
N ARG A 308 -16.42 -14.33 -9.49
CA ARG A 308 -17.15 -13.84 -10.65
C ARG A 308 -16.63 -12.52 -11.21
N VAL A 309 -16.23 -11.62 -10.31
CA VAL A 309 -16.07 -10.23 -10.64
C VAL A 309 -15.99 -10.04 -12.19
N LYS A 310 -16.72 -9.03 -12.68
CA LYS A 310 -16.76 -8.74 -14.13
C LYS A 310 -15.70 -7.75 -14.42
N THR A 311 -15.12 -7.91 -15.58
CA THR A 311 -14.21 -6.88 -16.10
C THR A 311 -14.95 -6.09 -17.23
N ILE A 312 -14.38 -4.97 -17.63
CA ILE A 312 -14.99 -4.14 -18.65
C ILE A 312 -14.47 -4.49 -20.05
N GLU A 313 -15.38 -4.83 -20.95
CA GLU A 313 -15.01 -5.17 -22.32
C GLU A 313 -14.79 -6.67 -22.47
N MET B 1 1.21 37.25 8.19
CA MET B 1 1.81 35.87 7.98
C MET B 1 1.51 35.26 6.61
N CYS B 2 2.57 34.77 5.99
CA CYS B 2 2.46 34.20 4.64
C CYS B 2 3.27 32.93 4.61
N LEU B 3 3.01 32.10 3.57
CA LEU B 3 3.56 30.74 3.49
C LEU B 3 4.69 30.68 2.49
N LYS B 4 5.32 31.85 2.08
CA LYS B 4 6.35 31.86 1.05
C LYS B 4 7.56 31.13 1.53
N LEU B 5 8.23 30.46 0.60
CA LEU B 5 9.46 29.76 0.79
C LEU B 5 10.38 29.76 -0.39
N ASN B 6 11.66 29.45 -0.17
CA ASN B 6 12.69 29.35 -1.17
C ASN B 6 13.30 28.06 -1.15
N LEU B 7 13.27 27.37 -2.32
CA LEU B 7 13.91 26.07 -2.53
C LEU B 7 14.48 26.00 -3.90
N LEU B 8 15.55 25.24 -4.06
CA LEU B 8 16.09 24.94 -5.38
C LEU B 8 16.41 26.28 -6.13
N ASP B 9 16.75 27.34 -5.41
CA ASP B 9 17.06 28.61 -6.09
C ASP B 9 15.85 29.24 -6.75
N HIS B 10 14.68 28.83 -6.30
CA HIS B 10 13.45 29.50 -6.65
C HIS B 10 12.62 29.93 -5.48
N VAL B 11 11.80 30.92 -5.71
CA VAL B 11 10.85 31.42 -4.68
C VAL B 11 9.46 30.88 -4.97
N PHE B 12 8.77 30.39 -3.89
CA PHE B 12 7.45 29.85 -3.99
C PHE B 12 6.51 30.62 -3.03
N ALA B 13 5.33 30.95 -3.47
CA ALA B 13 4.37 31.71 -2.63
C ALA B 13 3.83 30.88 -1.49
N ASN B 14 3.90 29.56 -1.66
CA ASN B 14 3.33 28.61 -0.70
C ASN B 14 3.84 27.23 -1.15
N PRO B 15 3.72 26.23 -0.29
CA PRO B 15 4.31 24.91 -0.59
C PRO B 15 3.43 24.02 -1.49
N PHE B 16 2.30 24.48 -1.93
CA PHE B 16 1.33 23.64 -2.65
C PHE B 16 1.58 23.62 -4.13
N MET B 17 1.33 22.46 -4.75
CA MET B 17 1.30 22.34 -6.18
C MET B 17 0.44 21.17 -6.56
N ASN B 18 0.10 21.06 -7.84
CA ASN B 18 -0.54 19.82 -8.31
C ASN B 18 0.46 18.67 -8.23
N ALA B 19 -0.09 17.48 -8.14
CA ALA B 19 0.62 16.25 -8.41
C ALA B 19 0.69 16.01 -9.91
N ALA B 20 1.82 15.52 -10.40
CA ALA B 20 1.92 15.20 -11.79
C ALA B 20 0.78 14.32 -12.29
N GLY B 21 0.27 14.64 -13.46
CA GLY B 21 -0.81 13.92 -14.04
C GLY B 21 -2.16 14.54 -13.83
N VAL B 22 -2.30 15.39 -12.79
CA VAL B 22 -3.60 16.00 -12.47
C VAL B 22 -3.58 17.48 -12.89
N LEU B 23 -4.52 17.84 -13.70
CA LEU B 23 -4.73 19.22 -14.19
C LEU B 23 -3.50 19.78 -14.88
N CYS B 24 -2.89 19.04 -15.82
CA CYS B 24 -1.57 19.45 -16.29
C CYS B 24 -1.56 19.37 -17.81
N SER B 25 -2.18 18.36 -18.39
CA SER B 25 -1.91 17.69 -19.62
C SER B 25 -1.91 18.56 -20.86
N THR B 26 -2.82 19.50 -20.87
CA THR B 26 -2.97 20.38 -21.99
C THR B 26 -2.56 21.82 -21.65
N GLU B 27 -2.44 22.65 -22.69
CA GLU B 27 -2.07 24.03 -22.51
C GLU B 27 -3.16 24.67 -21.62
N GLU B 28 -4.40 24.34 -21.85
CA GLU B 28 -5.48 24.87 -21.03
C GLU B 28 -5.28 24.49 -19.55
N ASP B 29 -4.90 23.23 -19.31
CA ASP B 29 -4.77 22.77 -17.94
C ASP B 29 -3.64 23.56 -17.26
N LEU B 30 -2.55 23.67 -18.00
CA LEU B 30 -1.40 24.34 -17.46
C LEU B 30 -1.67 25.82 -17.19
N ARG B 31 -2.42 26.45 -18.08
CA ARG B 31 -2.83 27.83 -17.90
C ARG B 31 -3.68 27.96 -16.65
N CYS B 32 -4.56 26.98 -16.43
CA CYS B 32 -5.42 26.98 -15.27
C CYS B 32 -4.63 26.82 -13.97
N MET B 33 -3.68 25.89 -13.96
CA MET B 33 -2.83 25.72 -12.80
C MET B 33 -2.00 27.00 -12.55
N THR B 34 -1.54 27.65 -13.60
CA THR B 34 -0.78 28.89 -13.40
C THR B 34 -1.63 29.99 -12.77
N ALA B 35 -2.87 30.06 -13.19
CA ALA B 35 -3.84 31.03 -12.65
C ALA B 35 -4.30 30.78 -11.21
N SER B 36 -4.16 29.55 -10.77
CA SER B 36 -4.51 29.18 -9.45
C SER B 36 -3.60 29.81 -8.41
N SER B 37 -3.99 29.62 -7.17
CA SER B 37 -3.21 30.07 -6.03
CA SER B 37 -3.16 30.10 -6.05
C SER B 37 -2.07 29.14 -5.67
N SER B 38 -1.90 28.08 -6.43
CA SER B 38 -0.77 27.17 -6.07
C SER B 38 0.56 27.86 -6.10
N GLY B 39 1.51 27.34 -5.31
CA GLY B 39 2.82 27.88 -5.28
C GLY B 39 3.67 27.49 -6.47
N ALA B 40 3.34 26.38 -7.12
CA ALA B 40 4.05 25.86 -8.27
C ALA B 40 3.09 24.94 -9.09
N LEU B 41 3.56 24.50 -10.24
CA LEU B 41 2.86 23.50 -11.02
C LEU B 41 3.86 22.52 -11.64
N VAL B 42 3.40 21.33 -11.94
CA VAL B 42 4.19 20.32 -12.61
C VAL B 42 3.36 19.88 -13.82
N SER B 43 4.05 19.66 -14.94
CA SER B 43 3.38 19.14 -16.14
C SER B 43 3.14 17.61 -16.07
N LYS B 44 2.23 17.09 -16.89
CA LYS B 44 1.93 15.67 -17.07
C LYS B 44 3.20 14.95 -17.44
N SER B 45 3.46 13.79 -16.87
CA SER B 45 4.67 13.05 -17.28
C SER B 45 4.58 12.77 -18.78
N CYS B 46 5.70 12.94 -19.46
CA CYS B 46 5.65 12.83 -20.93
C CYS B 46 6.67 11.83 -21.45
N THR B 47 6.34 11.46 -22.67
CA THR B 47 7.13 10.57 -23.53
C THR B 47 7.56 11.37 -24.75
N SER B 48 8.54 10.83 -25.45
CA SER B 48 9.05 11.52 -26.60
C SER B 48 7.96 11.75 -27.63
N ALA B 49 7.14 10.76 -27.88
CA ALA B 49 6.01 10.95 -28.76
C ALA B 49 4.70 11.06 -27.98
N PRO B 50 3.71 11.65 -28.60
CA PRO B 50 2.39 11.75 -27.98
C PRO B 50 1.79 10.38 -27.74
N ARG B 51 0.95 10.23 -26.72
CA ARG B 51 0.29 8.99 -26.41
C ARG B 51 -1.19 9.24 -26.14
N ASP B 52 -2.03 8.37 -26.68
CA ASP B 52 -3.45 8.34 -26.33
C ASP B 52 -3.70 7.93 -24.87
N GLY B 53 -2.93 6.97 -24.38
CA GLY B 53 -3.21 6.35 -23.12
C GLY B 53 -4.09 5.12 -23.28
N ASN B 54 -4.50 4.59 -22.15
CA ASN B 54 -5.30 3.41 -22.11
C ASN B 54 -6.75 3.64 -22.37
N PRO B 55 -7.48 2.56 -22.65
CA PRO B 55 -8.92 2.77 -22.87
C PRO B 55 -9.71 3.25 -21.67
N GLU B 56 -10.73 4.03 -21.96
CA GLU B 56 -11.64 4.57 -20.94
C GLU B 56 -12.78 3.62 -20.64
N PRO B 57 -13.33 3.61 -19.41
CA PRO B 57 -12.95 4.45 -18.28
C PRO B 57 -11.65 4.05 -17.68
N ARG B 58 -10.84 5.06 -17.28
CA ARG B 58 -9.46 4.80 -16.78
C ARG B 58 -9.15 5.53 -15.47
N TYR B 59 -10.05 6.38 -15.04
CA TYR B 59 -10.03 7.01 -13.71
C TYR B 59 -11.39 6.93 -13.08
N MET B 60 -11.43 6.61 -11.78
CA MET B 60 -12.60 6.78 -10.99
C MET B 60 -12.28 7.16 -9.60
N ALA B 61 -13.10 8.00 -9.03
CA ALA B 61 -12.96 8.46 -7.66
C ALA B 61 -14.17 8.19 -6.82
N PHE B 62 -13.91 8.06 -5.50
CA PHE B 62 -14.84 7.67 -4.48
C PHE B 62 -14.51 8.36 -3.22
N PRO B 63 -15.36 8.25 -2.20
CA PRO B 63 -15.11 9.04 -1.01
C PRO B 63 -13.75 8.88 -0.37
N LEU B 64 -13.18 7.69 -0.47
CA LEU B 64 -11.86 7.43 0.10
C LEU B 64 -10.68 7.64 -0.83
N GLY B 65 -10.95 7.87 -2.10
CA GLY B 65 -9.82 8.14 -2.99
C GLY B 65 -10.11 7.80 -4.41
N SER B 66 -9.06 7.43 -5.12
CA SER B 66 -9.18 7.24 -6.58
C SER B 66 -8.40 6.04 -7.01
N ILE B 67 -8.75 5.52 -8.17
CA ILE B 67 -7.99 4.52 -8.88
C ILE B 67 -7.81 4.96 -10.34
N ASN B 68 -6.64 4.72 -10.87
CA ASN B 68 -6.36 5.11 -12.29
C ASN B 68 -5.45 4.13 -12.96
N SER B 69 -5.71 3.95 -14.28
CA SER B 69 -4.77 3.30 -15.14
C SER B 69 -4.77 4.19 -16.38
N MET B 70 -4.27 5.43 -16.25
CA MET B 70 -4.35 6.37 -17.36
C MET B 70 -3.52 5.84 -18.56
N GLY B 71 -2.39 5.29 -18.28
CA GLY B 71 -1.43 4.87 -19.36
C GLY B 71 -0.64 5.94 -20.00
N LEU B 72 -0.27 6.99 -19.27
CA LEU B 72 0.60 8.06 -19.78
C LEU B 72 0.05 8.75 -21.05
N PRO B 73 -1.22 9.07 -21.06
CA PRO B 73 -1.71 9.94 -22.15
C PRO B 73 -1.05 11.28 -22.04
N ASN B 74 -0.43 11.75 -23.13
CA ASN B 74 0.23 13.02 -23.04
C ASN B 74 0.44 13.57 -24.43
N LEU B 75 0.77 14.85 -24.48
CA LEU B 75 0.87 15.58 -25.77
C LEU B 75 2.28 15.40 -26.41
N GLY B 76 3.14 14.66 -25.75
CA GLY B 76 4.51 14.52 -26.14
C GLY B 76 5.45 15.60 -25.68
N PHE B 77 6.72 15.19 -25.55
CA PHE B 77 7.75 16.01 -25.02
C PHE B 77 7.92 17.36 -25.73
N ASP B 78 7.85 17.39 -27.11
CA ASP B 78 7.98 18.68 -27.78
C ASP B 78 6.98 19.74 -27.30
N PHE B 79 5.75 19.31 -26.97
CA PHE B 79 4.74 20.22 -26.46
C PHE B 79 5.07 20.79 -25.10
N TYR B 80 5.51 19.90 -24.18
CA TYR B 80 5.81 20.36 -22.82
C TYR B 80 7.05 21.26 -22.78
N LEU B 81 8.00 20.91 -23.64
CA LEU B 81 9.26 21.72 -23.79
C LEU B 81 8.89 23.08 -24.33
N LYS B 82 8.01 23.14 -25.31
CA LYS B 82 7.53 24.40 -25.86
C LYS B 82 6.80 25.27 -24.83
N TYR B 83 5.96 24.59 -24.04
CA TYR B 83 5.30 25.24 -22.93
C TYR B 83 6.31 25.91 -21.94
N ALA B 84 7.34 25.13 -21.58
CA ALA B 84 8.40 25.57 -20.68
C ALA B 84 9.23 26.73 -21.29
N SER B 85 9.44 26.60 -22.58
CA SER B 85 10.38 27.52 -23.24
CA SER B 85 10.40 27.53 -23.22
C SER B 85 9.73 28.79 -23.68
N ASP B 86 8.50 28.71 -24.17
CA ASP B 86 7.79 29.87 -24.78
C ASP B 86 6.52 30.37 -24.13
N LEU B 87 5.78 29.52 -23.40
CA LEU B 87 4.39 29.81 -23.00
C LEU B 87 4.24 30.13 -21.50
N HIS B 88 5.02 29.52 -20.65
CA HIS B 88 4.82 29.65 -19.22
C HIS B 88 5.32 31.00 -18.77
N ASP B 89 4.54 31.57 -17.88
CA ASP B 89 4.87 32.81 -17.25
C ASP B 89 5.54 32.55 -15.89
N TYR B 90 6.88 32.57 -15.93
CA TYR B 90 7.70 32.34 -14.76
C TYR B 90 7.51 33.40 -13.68
N SER B 91 6.96 34.55 -14.08
CA SER B 91 6.74 35.55 -13.08
C SER B 91 5.61 35.16 -12.15
N LYS B 92 4.78 34.18 -12.57
CA LYS B 92 3.64 33.79 -11.79
C LYS B 92 4.01 32.73 -10.72
N LYS B 93 4.75 31.71 -11.14
CA LYS B 93 5.25 30.63 -10.21
C LYS B 93 6.23 29.71 -10.97
N PRO B 94 7.01 28.89 -10.24
CA PRO B 94 7.87 27.94 -10.88
C PRO B 94 7.16 26.80 -11.56
N LEU B 95 7.82 26.27 -12.56
CA LEU B 95 7.37 25.14 -13.31
C LEU B 95 8.33 24.00 -13.15
N PHE B 96 7.74 22.82 -12.89
CA PHE B 96 8.43 21.58 -13.01
C PHE B 96 7.93 20.81 -14.23
N LEU B 97 8.83 20.12 -14.91
CA LEU B 97 8.45 19.25 -16.01
C LEU B 97 8.72 17.81 -15.64
N SER B 98 7.70 16.97 -15.75
CA SER B 98 7.86 15.56 -15.44
C SER B 98 8.09 14.76 -16.69
N ILE B 99 9.15 13.97 -16.66
CA ILE B 99 9.52 13.10 -17.79
C ILE B 99 9.35 11.66 -17.39
N SER B 100 8.82 10.84 -18.26
CA SER B 100 8.59 9.39 -17.99
CA SER B 100 8.56 9.42 -17.99
C SER B 100 8.69 8.59 -19.23
N GLY B 101 9.89 8.61 -19.77
CA GLY B 101 10.25 7.71 -20.87
C GLY B 101 10.13 6.27 -20.48
N LEU B 102 9.89 5.43 -21.51
CA LEU B 102 9.71 3.99 -21.35
C LEU B 102 11.07 3.22 -21.34
N SER B 103 12.16 3.93 -21.59
CA SER B 103 13.51 3.39 -21.50
C SER B 103 14.46 4.41 -21.02
N VAL B 104 15.62 3.95 -20.63
CA VAL B 104 16.64 4.88 -20.28
C VAL B 104 17.06 5.81 -21.45
N GLU B 105 17.16 5.24 -22.66
CA GLU B 105 17.53 6.06 -23.83
C GLU B 105 16.58 7.20 -24.14
N GLU B 106 15.31 6.88 -23.95
CA GLU B 106 14.26 7.90 -24.18
C GLU B 106 14.38 9.07 -23.20
N ASN B 107 14.59 8.72 -21.91
CA ASN B 107 14.80 9.75 -20.88
C ASN B 107 16.03 10.56 -21.15
N VAL B 108 17.15 9.89 -21.54
CA VAL B 108 18.34 10.63 -21.84
C VAL B 108 18.16 11.62 -23.01
N ALA B 109 17.43 11.18 -24.03
CA ALA B 109 17.18 12.04 -25.19
C ALA B 109 16.34 13.29 -24.85
N MET B 110 15.39 13.08 -23.94
CA MET B 110 14.56 14.24 -23.52
C MET B 110 15.37 15.17 -22.64
N VAL B 111 16.12 14.65 -21.63
CA VAL B 111 16.79 15.51 -20.72
C VAL B 111 17.90 16.36 -21.40
N ARG B 112 18.50 15.78 -22.45
CA ARG B 112 19.56 16.56 -23.17
C ARG B 112 18.97 17.83 -23.79
N ARG B 113 17.72 17.71 -24.23
CA ARG B 113 16.99 18.83 -24.83
C ARG B 113 16.40 19.76 -23.82
N LEU B 114 16.04 19.21 -22.63
CA LEU B 114 15.56 20.06 -21.56
C LEU B 114 16.63 20.96 -20.98
N ALA B 115 17.87 20.45 -20.86
CA ALA B 115 18.92 21.13 -20.15
C ALA B 115 19.10 22.62 -20.45
N PRO B 116 19.21 23.04 -21.75
CA PRO B 116 19.31 24.47 -22.05
C PRO B 116 18.15 25.32 -21.75
N VAL B 117 16.96 24.72 -21.80
CA VAL B 117 15.77 25.41 -21.31
C VAL B 117 15.70 25.57 -19.77
N ALA B 118 16.16 24.54 -19.04
CA ALA B 118 16.38 24.66 -17.63
C ALA B 118 17.37 25.75 -17.30
N GLN B 119 18.47 25.83 -18.06
CA GLN B 119 19.50 26.83 -17.77
C GLN B 119 18.94 28.19 -18.08
N GLU B 120 18.24 28.32 -19.20
CA GLU B 120 17.75 29.64 -19.65
C GLU B 120 16.55 30.13 -18.85
N LYS B 121 15.59 29.23 -18.57
CA LYS B 121 14.29 29.63 -18.08
C LYS B 121 14.04 29.22 -16.59
N GLY B 122 14.80 28.27 -16.11
CA GLY B 122 14.69 27.77 -14.73
C GLY B 122 13.62 26.73 -14.48
N VAL B 123 13.08 26.13 -15.53
CA VAL B 123 12.18 24.97 -15.37
C VAL B 123 12.92 23.87 -14.66
N LEU B 124 12.23 23.13 -13.81
CA LEU B 124 12.80 22.10 -12.98
C LEU B 124 12.38 20.72 -13.41
N LEU B 125 13.29 19.79 -13.48
CA LEU B 125 12.97 18.47 -13.90
C LEU B 125 12.56 17.53 -12.74
N GLU B 126 11.38 16.87 -12.90
CA GLU B 126 11.00 15.73 -12.06
C GLU B 126 11.02 14.47 -12.89
N LEU B 127 11.96 13.54 -12.64
CA LEU B 127 12.05 12.29 -13.33
C LEU B 127 11.18 11.23 -12.72
N ASN B 128 10.18 10.74 -13.44
CA ASN B 128 9.30 9.72 -12.92
C ASN B 128 9.91 8.32 -12.99
N LEU B 129 10.24 7.78 -11.81
CA LEU B 129 10.79 6.40 -11.67
C LEU B 129 9.73 5.39 -11.34
N SER B 130 8.44 5.79 -11.48
CA SER B 130 7.32 4.95 -11.11
C SER B 130 6.56 4.27 -12.27
N CYS B 131 7.05 4.29 -13.50
CA CYS B 131 6.38 3.54 -14.57
C CYS B 131 6.51 2.01 -14.43
N PRO B 132 5.48 1.26 -14.83
CA PRO B 132 5.55 -0.22 -14.83
C PRO B 132 6.52 -0.70 -15.90
N ASN B 133 6.98 -1.94 -15.80
CA ASN B 133 7.76 -2.50 -16.91
C ASN B 133 7.07 -3.76 -17.47
N VAL B 134 7.71 -4.40 -18.45
CA VAL B 134 7.11 -5.53 -19.20
C VAL B 134 7.12 -6.87 -18.45
N PRO B 135 6.26 -7.82 -18.83
CA PRO B 135 6.27 -9.12 -18.11
C PRO B 135 7.71 -9.71 -17.88
N GLY B 136 7.94 -10.20 -16.65
CA GLY B 136 9.23 -10.73 -16.25
C GLY B 136 10.16 -9.70 -15.63
N LYS B 137 9.69 -8.43 -15.49
CA LYS B 137 10.51 -7.29 -14.86
C LYS B 137 9.75 -6.23 -14.01
N PRO B 138 10.20 -5.95 -12.75
CA PRO B 138 9.42 -4.94 -11.95
C PRO B 138 9.63 -3.49 -12.44
N GLN B 139 8.82 -2.50 -12.00
CA GLN B 139 9.04 -1.14 -12.40
C GLN B 139 10.42 -0.73 -11.91
N VAL B 140 10.93 0.36 -12.49
CA VAL B 140 12.34 0.71 -12.34
C VAL B 140 12.62 0.98 -10.86
N ALA B 141 11.71 1.69 -10.19
CA ALA B 141 12.08 2.04 -8.79
C ALA B 141 12.07 0.86 -7.84
N TYR B 142 11.51 -0.24 -8.30
CA TYR B 142 11.47 -1.44 -7.54
C TYR B 142 12.59 -2.41 -8.00
N ASP B 143 13.45 -1.94 -8.89
CA ASP B 143 14.63 -2.69 -9.33
C ASP B 143 15.81 -1.76 -9.15
N PHE B 144 16.55 -1.97 -8.08
CA PHE B 144 17.56 -1.03 -7.65
C PHE B 144 18.74 -0.87 -8.59
N GLU B 145 19.16 -1.95 -9.22
CA GLU B 145 20.16 -1.81 -10.23
C GLU B 145 19.67 -1.00 -11.44
N ALA B 146 18.45 -1.19 -11.87
CA ALA B 146 17.96 -0.37 -12.96
C ALA B 146 17.88 1.09 -12.56
N MET B 147 17.44 1.32 -11.32
CA MET B 147 17.28 2.68 -10.87
C MET B 147 18.62 3.43 -10.86
N ARG B 148 19.66 2.74 -10.42
CA ARG B 148 20.98 3.30 -10.42
C ARG B 148 21.46 3.63 -11.84
N THR B 149 21.13 2.74 -12.77
CA THR B 149 21.39 3.00 -14.23
C THR B 149 20.68 4.20 -14.76
N TYR B 150 19.38 4.27 -14.53
CA TYR B 150 18.68 5.47 -14.93
C TYR B 150 19.33 6.71 -14.41
N LEU B 151 19.64 6.75 -13.11
CA LEU B 151 20.08 7.97 -12.51
C LEU B 151 21.50 8.34 -12.95
N GLN B 152 22.33 7.32 -13.17
CA GLN B 152 23.69 7.59 -13.70
C GLN B 152 23.62 8.25 -15.10
N GLN B 153 22.80 7.67 -15.94
CA GLN B 153 22.61 8.13 -17.36
C GLN B 153 21.98 9.50 -17.41
N VAL B 154 20.88 9.71 -16.65
CA VAL B 154 20.30 11.05 -16.61
C VAL B 154 21.18 12.09 -16.01
N SER B 155 21.87 11.78 -14.90
CA SER B 155 22.73 12.75 -14.31
C SER B 155 23.77 13.22 -15.35
N LEU B 156 24.37 12.27 -16.06
CA LEU B 156 25.41 12.62 -17.09
C LEU B 156 24.83 13.44 -18.24
N ALA B 157 23.66 13.02 -18.71
CA ALA B 157 23.05 13.70 -19.88
C ALA B 157 22.53 15.09 -19.54
N TYR B 158 21.96 15.25 -18.32
CA TYR B 158 21.34 16.49 -17.93
C TYR B 158 22.29 17.47 -17.32
N GLY B 159 23.08 17.00 -16.35
CA GLY B 159 24.09 17.78 -15.74
C GLY B 159 23.69 18.90 -14.82
N LEU B 160 22.39 19.03 -14.48
CA LEU B 160 21.85 20.07 -13.61
C LEU B 160 21.00 19.39 -12.50
N PRO B 161 20.73 20.15 -11.44
CA PRO B 161 19.92 19.58 -10.31
C PRO B 161 18.57 19.16 -10.83
N PHE B 162 18.08 18.03 -10.30
CA PHE B 162 16.79 17.50 -10.71
C PHE B 162 16.19 16.73 -9.51
N GLY B 163 14.97 16.28 -9.65
CA GLY B 163 14.33 15.44 -8.65
C GLY B 163 13.74 14.21 -9.25
N VAL B 164 13.32 13.32 -8.36
CA VAL B 164 12.78 12.03 -8.73
C VAL B 164 11.44 11.76 -8.04
N LYS B 165 10.49 11.28 -8.83
CA LYS B 165 9.15 10.85 -8.32
C LYS B 165 9.24 9.33 -8.03
N MET B 166 9.03 8.98 -6.75
CA MET B 166 9.21 7.64 -6.23
C MET B 166 7.88 6.96 -6.00
N PRO B 167 7.77 5.63 -6.26
CA PRO B 167 6.65 4.87 -5.80
C PRO B 167 6.82 4.62 -4.30
N PRO B 168 5.74 4.26 -3.60
CA PRO B 168 5.91 3.88 -2.20
C PRO B 168 6.64 2.59 -2.01
N TYR B 169 7.36 2.56 -0.90
CA TYR B 169 7.97 1.34 -0.35
C TYR B 169 7.34 0.97 0.96
N PHE B 170 7.47 -0.31 1.31
CA PHE B 170 6.70 -0.92 2.43
C PHE B 170 7.56 -1.69 3.42
N ASP B 171 8.88 -1.63 3.24
CA ASP B 171 9.80 -2.52 3.96
C ASP B 171 11.01 -1.62 4.25
N ILE B 172 11.48 -1.69 5.49
CA ILE B 172 12.56 -0.83 5.94
C ILE B 172 13.85 -1.10 5.17
N ALA B 173 14.12 -2.34 4.83
CA ALA B 173 15.34 -2.61 4.09
C ALA B 173 15.24 -1.99 2.72
N HIS B 174 14.02 -1.89 2.16
CA HIS B 174 13.86 -1.19 0.85
C HIS B 174 14.07 0.30 1.00
N PHE B 175 13.58 0.91 2.06
CA PHE B 175 13.89 2.34 2.31
C PHE B 175 15.44 2.53 2.37
N ASP B 176 16.10 1.66 3.11
CA ASP B 176 17.55 1.82 3.24
C ASP B 176 18.25 1.68 1.86
N THR B 177 17.88 0.71 1.06
CA THR B 177 18.55 0.50 -0.21
C THR B 177 18.21 1.62 -1.21
N ALA B 178 16.94 2.06 -1.20
CA ALA B 178 16.54 3.03 -2.22
C ALA B 178 17.15 4.38 -1.88
N ALA B 179 17.17 4.79 -0.59
CA ALA B 179 17.79 6.03 -0.20
C ALA B 179 19.30 6.01 -0.48
N ALA B 180 19.91 4.87 -0.27
CA ALA B 180 21.37 4.74 -0.56
C ALA B 180 21.63 4.91 -2.03
N VAL B 181 20.79 4.37 -2.92
CA VAL B 181 20.92 4.61 -4.38
C VAL B 181 20.84 6.13 -4.58
N LEU B 182 19.77 6.76 -4.10
CA LEU B 182 19.58 8.13 -4.37
C LEU B 182 20.72 9.03 -3.92
N ASN B 183 21.30 8.68 -2.76
CA ASN B 183 22.33 9.49 -2.20
C ASN B 183 23.68 9.29 -2.98
N GLU B 184 23.73 8.34 -3.90
CA GLU B 184 24.94 8.28 -4.81
C GLU B 184 24.94 9.39 -5.81
N PHE B 185 23.81 10.13 -5.96
CA PHE B 185 23.65 11.09 -7.01
C PHE B 185 23.47 12.49 -6.49
N PRO B 186 24.49 13.28 -6.50
CA PRO B 186 24.44 14.62 -5.95
C PRO B 186 23.52 15.61 -6.67
N LEU B 187 23.25 15.33 -7.94
CA LEU B 187 22.34 16.20 -8.75
C LEU B 187 20.88 15.93 -8.37
N VAL B 188 20.63 14.82 -7.66
CA VAL B 188 19.22 14.53 -7.24
C VAL B 188 19.00 15.38 -6.02
N LYS B 189 18.33 16.52 -6.17
CA LYS B 189 18.16 17.50 -5.11
C LYS B 189 16.81 17.37 -4.33
N PHE B 190 15.85 16.75 -4.99
CA PHE B 190 14.53 16.49 -4.34
C PHE B 190 14.03 15.17 -4.68
N VAL B 191 13.26 14.61 -3.74
CA VAL B 191 12.67 13.28 -3.88
C VAL B 191 11.18 13.51 -3.60
N THR B 192 10.33 13.10 -4.50
CA THR B 192 8.86 13.28 -4.30
C THR B 192 8.31 11.87 -3.94
N CYS B 193 7.75 11.85 -2.71
CA CYS B 193 7.20 10.63 -2.13
C CYS B 193 5.74 10.95 -1.84
N VAL B 194 4.75 10.34 -2.50
CA VAL B 194 4.80 9.17 -3.30
C VAL B 194 3.91 9.26 -4.54
N ASN B 195 4.23 8.39 -5.52
CA ASN B 195 3.31 8.04 -6.59
C ASN B 195 2.12 7.22 -6.03
N SER B 196 1.18 6.90 -6.87
CA SER B 196 0.10 6.04 -6.45
C SER B 196 0.53 4.71 -5.96
N VAL B 197 -0.29 4.17 -5.05
CA VAL B 197 0.00 2.83 -4.53
C VAL B 197 -0.45 1.84 -5.63
N GLY B 198 0.49 1.03 -6.08
CA GLY B 198 0.32 0.30 -7.32
C GLY B 198 -0.70 -0.85 -7.23
N ASN B 199 -1.40 -1.02 -8.36
CA ASN B 199 -2.18 -2.20 -8.62
C ASN B 199 -3.13 -2.57 -7.48
N GLY B 200 -3.94 -1.57 -7.05
CA GLY B 200 -5.11 -1.84 -6.29
C GLY B 200 -6.29 -2.24 -7.22
N LEU B 201 -7.42 -2.59 -6.64
CA LEU B 201 -8.57 -3.09 -7.41
C LEU B 201 -9.79 -2.62 -6.67
N VAL B 202 -10.58 -1.79 -7.34
CA VAL B 202 -11.85 -1.34 -6.82
C VAL B 202 -12.98 -2.08 -7.59
N ILE B 203 -13.90 -2.64 -6.78
CA ILE B 203 -15.08 -3.36 -7.27
C ILE B 203 -16.34 -2.68 -6.81
N ASP B 204 -17.28 -2.57 -7.72
CA ASP B 204 -18.63 -2.02 -7.41
C ASP B 204 -19.55 -3.19 -7.04
N ALA B 205 -20.11 -3.19 -5.84
CA ALA B 205 -20.99 -4.27 -5.43
C ALA B 205 -22.22 -4.39 -6.26
N GLU B 206 -22.86 -3.28 -6.63
CA GLU B 206 -24.14 -3.32 -7.35
C GLU B 206 -24.04 -3.96 -8.74
N SER B 207 -22.98 -3.64 -9.47
CA SER B 207 -22.76 -4.11 -10.78
C SER B 207 -21.88 -5.35 -10.81
N GLU B 208 -21.25 -5.62 -9.66
CA GLU B 208 -20.32 -6.77 -9.54
C GLU B 208 -19.16 -6.66 -10.50
N SER B 209 -18.75 -5.44 -10.82
CA SER B 209 -17.75 -5.18 -11.82
C SER B 209 -16.64 -4.31 -11.29
N VAL B 210 -15.44 -4.52 -11.84
CA VAL B 210 -14.43 -3.53 -11.68
C VAL B 210 -14.86 -2.21 -12.31
N VAL B 211 -14.17 -1.11 -11.94
CA VAL B 211 -14.61 0.23 -12.29
C VAL B 211 -13.78 0.95 -13.33
N ILE B 212 -12.61 0.45 -13.62
CA ILE B 212 -11.85 0.87 -14.74
C ILE B 212 -11.59 -0.25 -15.72
N LYS B 213 -11.43 0.13 -17.00
CA LYS B 213 -11.33 -0.85 -18.08
C LYS B 213 -9.96 -1.50 -18.25
N PRO B 214 -8.88 -0.72 -18.25
CA PRO B 214 -7.57 -1.35 -18.48
C PRO B 214 -7.20 -2.37 -17.38
N LYS B 215 -6.35 -3.32 -17.78
CA LYS B 215 -5.66 -4.18 -16.84
C LYS B 215 -6.65 -4.91 -15.90
N GLN B 216 -7.82 -5.31 -16.41
CA GLN B 216 -8.82 -6.05 -15.65
C GLN B 216 -9.20 -5.33 -14.36
N GLY B 217 -9.11 -3.99 -14.41
CA GLY B 217 -9.57 -3.14 -13.30
C GLY B 217 -8.46 -2.73 -12.33
N PHE B 218 -7.24 -3.24 -12.50
CA PHE B 218 -6.11 -2.97 -11.59
C PHE B 218 -5.55 -1.57 -11.93
N GLY B 219 -5.27 -0.76 -10.92
CA GLY B 219 -4.67 0.59 -11.17
C GLY B 219 -4.17 1.22 -9.90
N GLY B 220 -3.46 2.33 -10.06
CA GLY B 220 -2.86 2.99 -8.92
C GLY B 220 -3.86 3.68 -8.07
N LEU B 221 -3.65 3.58 -6.74
CA LEU B 221 -4.54 4.19 -5.77
C LEU B 221 -3.98 5.54 -5.30
N GLY B 222 -4.89 6.48 -5.16
CA GLY B 222 -4.58 7.75 -4.53
C GLY B 222 -5.62 8.13 -3.53
N GLY B 223 -5.40 9.26 -2.83
CA GLY B 223 -6.37 9.81 -1.92
C GLY B 223 -6.27 9.36 -0.47
N LYS B 224 -7.41 9.34 0.24
CA LYS B 224 -7.36 9.01 1.63
C LYS B 224 -6.76 7.68 1.95
N TYR B 225 -6.94 6.69 1.08
CA TYR B 225 -6.39 5.37 1.24
C TYR B 225 -4.90 5.41 1.60
N ILE B 226 -4.16 6.40 1.03
CA ILE B 226 -2.74 6.29 0.98
C ILE B 226 -1.98 7.27 1.88
N LEU B 227 -2.73 8.05 2.66
CA LEU B 227 -2.05 9.08 3.51
C LEU B 227 -0.98 8.49 4.48
N PRO B 228 -1.28 7.43 5.24
CA PRO B 228 -0.21 6.97 6.15
C PRO B 228 1.00 6.35 5.43
N THR B 229 0.81 5.76 4.24
CA THR B 229 1.84 5.24 3.37
C THR B 229 2.69 6.42 2.94
N ALA B 230 2.02 7.44 2.47
CA ALA B 230 2.73 8.67 1.96
C ALA B 230 3.57 9.30 3.07
N LEU B 231 2.99 9.47 4.26
CA LEU B 231 3.74 10.03 5.36
C LEU B 231 4.94 9.20 5.75
N ALA B 232 4.81 7.89 5.70
CA ALA B 232 5.93 6.99 6.04
C ALA B 232 7.08 7.18 5.08
N ASN B 233 6.75 7.24 3.79
CA ASN B 233 7.75 7.39 2.79
C ASN B 233 8.41 8.77 2.88
N VAL B 234 7.60 9.79 3.07
CA VAL B 234 8.17 11.14 3.24
C VAL B 234 9.18 11.05 4.41
N ASN B 235 8.78 10.58 5.54
CA ASN B 235 9.63 10.66 6.71
C ASN B 235 10.84 9.76 6.53
N ALA B 236 10.67 8.56 5.93
CA ALA B 236 11.78 7.66 5.78
C ALA B 236 12.87 8.27 4.92
N PHE B 237 12.50 8.90 3.80
CA PHE B 237 13.46 9.61 2.95
C PHE B 237 13.99 10.87 3.62
N TYR B 238 13.18 11.60 4.33
CA TYR B 238 13.63 12.79 5.02
C TYR B 238 14.76 12.39 5.98
N ARG B 239 14.58 11.30 6.72
CA ARG B 239 15.62 10.80 7.67
C ARG B 239 16.88 10.33 6.92
N ARG B 240 16.71 9.74 5.79
CA ARG B 240 17.87 9.09 5.09
C ARG B 240 18.62 9.97 4.14
N CYS B 241 18.01 11.08 3.75
CA CYS B 241 18.56 11.95 2.71
C CYS B 241 18.68 13.35 3.24
N PRO B 242 19.61 13.56 4.19
CA PRO B 242 19.69 14.87 4.81
C PRO B 242 20.15 15.98 3.89
N ASP B 243 20.83 15.67 2.79
CA ASP B 243 21.25 16.65 1.84
C ASP B 243 20.28 16.87 0.66
N LYS B 244 19.08 16.27 0.70
CA LYS B 244 18.05 16.43 -0.37
C LYS B 244 16.83 17.04 0.29
N LEU B 245 15.96 17.63 -0.52
CA LEU B 245 14.61 18.01 -0.09
C LEU B 245 13.72 16.78 -0.37
N VAL B 246 12.62 16.70 0.39
CA VAL B 246 11.59 15.71 0.14
C VAL B 246 10.31 16.48 -0.15
N PHE B 247 9.62 16.13 -1.23
CA PHE B 247 8.33 16.69 -1.59
C PHE B 247 7.28 15.66 -1.23
N GLY B 248 6.21 16.04 -0.51
CA GLY B 248 5.22 15.12 -0.12
C GLY B 248 4.12 15.08 -1.12
N CYS B 249 3.57 13.90 -1.37
CA CYS B 249 2.44 13.72 -2.22
C CYS B 249 1.70 12.49 -1.71
N GLY B 250 0.38 12.57 -1.53
CA GLY B 250 -0.45 11.43 -1.20
C GLY B 250 -1.44 11.76 -0.13
N GLY B 251 -2.72 11.75 -0.49
CA GLY B 251 -3.72 11.85 0.58
C GLY B 251 -3.96 13.22 1.11
N VAL B 252 -3.52 14.29 0.43
CA VAL B 252 -3.77 15.65 0.89
C VAL B 252 -5.14 16.11 0.45
N TYR B 253 -6.05 16.32 1.45
CA TYR B 253 -7.34 16.92 1.20
C TYR B 253 -7.55 18.19 1.98
N SER B 254 -6.70 18.47 2.93
CA SER B 254 -6.91 19.58 3.86
C SER B 254 -5.61 20.11 4.32
N GLY B 255 -5.67 21.34 4.90
CA GLY B 255 -4.47 21.91 5.47
C GLY B 255 -3.90 21.07 6.61
N GLU B 256 -4.75 20.35 7.33
CA GLU B 256 -4.29 19.44 8.37
C GLU B 256 -3.43 18.32 7.77
N ASP B 257 -3.83 17.82 6.60
CA ASP B 257 -3.08 16.72 5.94
C ASP B 257 -1.72 17.31 5.46
N ALA B 258 -1.76 18.50 4.91
CA ALA B 258 -0.50 19.20 4.49
C ALA B 258 0.43 19.37 5.66
N PHE B 259 -0.15 19.81 6.79
CA PHE B 259 0.62 19.93 8.06
C PHE B 259 1.35 18.66 8.45
N LEU B 260 0.64 17.54 8.32
CA LEU B 260 1.24 16.27 8.66
C LEU B 260 2.42 15.94 7.70
N HIS B 261 2.19 16.16 6.38
CA HIS B 261 3.26 15.98 5.43
C HIS B 261 4.53 16.80 5.80
N ILE B 262 4.29 18.06 6.19
CA ILE B 262 5.41 18.93 6.52
C ILE B 262 6.08 18.48 7.82
N LEU B 263 5.30 18.11 8.82
CA LEU B 263 5.84 17.53 10.06
C LEU B 263 6.71 16.30 9.78
N ALA B 264 6.32 15.49 8.75
CA ALA B 264 7.06 14.33 8.34
C ALA B 264 8.36 14.64 7.62
N GLY B 265 8.45 15.85 7.08
CA GLY B 265 9.63 16.30 6.38
C GLY B 265 9.40 16.99 5.03
N ALA B 266 8.18 17.14 4.56
CA ALA B 266 7.93 17.68 3.21
C ALA B 266 8.26 19.18 3.13
N SER B 267 8.95 19.50 2.03
CA SER B 267 9.17 20.90 1.66
C SER B 267 8.06 21.41 0.81
N MET B 268 7.74 20.80 -0.29
CA MET B 268 6.54 21.12 -1.08
C MET B 268 5.55 20.01 -0.80
N VAL B 269 4.26 20.28 -1.05
CA VAL B 269 3.15 19.35 -0.85
C VAL B 269 2.30 19.36 -2.14
N GLN B 270 2.19 18.17 -2.71
CA GLN B 270 1.50 18.00 -4.00
C GLN B 270 0.14 17.40 -3.73
N VAL B 271 -0.80 17.83 -4.58
CA VAL B 271 -2.22 17.43 -4.44
C VAL B 271 -2.69 16.78 -5.74
N GLY B 272 -3.11 15.49 -5.73
CA GLY B 272 -3.54 14.80 -6.88
C GLY B 272 -5.05 14.60 -6.84
N THR B 273 -5.47 13.47 -6.27
CA THR B 273 -6.89 13.14 -6.19
C THR B 273 -7.74 14.26 -5.72
N ALA B 274 -7.42 14.89 -4.61
CA ALA B 274 -8.32 15.93 -4.12
C ALA B 274 -8.50 17.12 -5.09
N LEU B 275 -7.43 17.42 -5.82
CA LEU B 275 -7.47 18.47 -6.83
C LEU B 275 -8.29 18.04 -8.04
N GLN B 276 -8.13 16.78 -8.48
CA GLN B 276 -8.96 16.25 -9.52
C GLN B 276 -10.43 16.35 -9.13
N GLU B 277 -10.75 16.10 -7.87
CA GLU B 277 -12.12 16.08 -7.42
C GLU B 277 -12.70 17.45 -7.13
N GLU B 278 -11.92 18.35 -6.58
CA GLU B 278 -12.40 19.66 -6.12
C GLU B 278 -12.14 20.81 -7.09
N GLY B 279 -11.15 20.65 -7.93
CA GLY B 279 -10.73 21.67 -8.79
C GLY B 279 -9.72 22.63 -8.10
N PRO B 280 -9.20 23.59 -8.84
CA PRO B 280 -8.09 24.42 -8.39
C PRO B 280 -8.38 25.42 -7.32
N GLY B 281 -9.67 25.59 -7.05
CA GLY B 281 -10.08 26.31 -5.85
C GLY B 281 -9.52 25.71 -4.57
N ILE B 282 -9.17 24.41 -4.59
CA ILE B 282 -8.67 23.78 -3.44
C ILE B 282 -7.48 24.54 -2.87
N PHE B 283 -6.65 25.15 -3.72
CA PHE B 283 -5.40 25.74 -3.23
C PHE B 283 -5.64 26.92 -2.28
N THR B 284 -6.69 27.68 -2.46
CA THR B 284 -6.93 28.72 -1.50
C THR B 284 -7.39 28.19 -0.18
N ARG B 285 -8.20 27.14 -0.19
CA ARG B 285 -8.64 26.46 1.04
C ARG B 285 -7.50 25.86 1.78
N LEU B 286 -6.63 25.14 1.08
CA LEU B 286 -5.48 24.53 1.73
C LEU B 286 -4.56 25.55 2.42
N GLU B 287 -4.33 26.67 1.77
CA GLU B 287 -3.48 27.71 2.30
C GLU B 287 -4.11 28.25 3.57
N ASP B 288 -5.39 28.56 3.47
CA ASP B 288 -6.12 29.12 4.63
C ASP B 288 -6.06 28.16 5.79
N GLU B 289 -6.38 26.85 5.49
CA GLU B 289 -6.42 25.86 6.57
C GLU B 289 -5.02 25.68 7.20
N LEU B 290 -3.95 25.60 6.40
CA LEU B 290 -2.63 25.43 6.93
C LEU B 290 -2.25 26.69 7.82
N LEU B 291 -2.57 27.88 7.35
CA LEU B 291 -2.23 29.07 8.11
C LEU B 291 -3.01 29.07 9.42
N GLU B 292 -4.26 28.59 9.42
CA GLU B 292 -5.08 28.50 10.63
C GLU B 292 -4.44 27.59 11.65
N ILE B 293 -4.00 26.43 11.23
CA ILE B 293 -3.37 25.49 12.17
C ILE B 293 -2.05 26.06 12.71
N MET B 294 -1.28 26.69 11.86
CA MET B 294 -0.01 27.35 12.25
C MET B 294 -0.34 28.39 13.33
N ALA B 295 -1.31 29.23 13.04
CA ALA B 295 -1.70 30.33 14.00
C ALA B 295 -2.11 29.73 15.34
N ARG B 296 -2.94 28.70 15.33
CA ARG B 296 -3.42 28.11 16.61
C ARG B 296 -2.25 27.54 17.41
N LYS B 297 -1.23 27.00 16.74
CA LYS B 297 -0.04 26.45 17.36
C LYS B 297 1.08 27.46 17.72
N GLY B 298 1.00 28.64 17.17
CA GLY B 298 2.05 29.61 17.33
C GLY B 298 3.23 29.47 16.42
N TYR B 299 3.06 28.78 15.30
CA TYR B 299 4.12 28.69 14.34
C TYR B 299 4.07 29.86 13.35
N ARG B 300 5.21 30.50 13.13
CA ARG B 300 5.26 31.56 12.16
C ARG B 300 5.82 31.12 10.80
N THR B 301 6.57 30.01 10.76
CA THR B 301 7.25 29.59 9.56
C THR B 301 7.06 28.08 9.45
N LEU B 302 7.16 27.62 8.23
CA LEU B 302 7.24 26.16 7.95
C LEU B 302 8.45 25.51 8.52
N GLU B 303 9.62 26.21 8.50
CA GLU B 303 10.83 25.67 9.02
C GLU B 303 10.74 25.33 10.50
N GLU B 304 9.87 25.98 11.25
CA GLU B 304 9.74 25.74 12.68
C GLU B 304 9.32 24.33 12.99
N PHE B 305 8.60 23.71 12.05
CA PHE B 305 8.03 22.36 12.30
C PHE B 305 8.34 21.36 11.22
N ARG B 306 9.01 21.72 10.11
CA ARG B 306 9.25 20.70 9.10
C ARG B 306 10.11 19.63 9.67
N GLY B 307 9.70 18.37 9.50
CA GLY B 307 10.49 17.28 9.93
C GLY B 307 10.52 17.06 11.41
N ARG B 308 9.71 17.78 12.15
CA ARG B 308 9.77 17.73 13.60
C ARG B 308 8.72 16.88 14.22
N VAL B 309 8.22 15.92 13.46
CA VAL B 309 7.31 14.91 14.02
C VAL B 309 7.99 14.29 15.28
N LYS B 310 7.25 14.15 16.36
CA LYS B 310 7.74 13.57 17.60
C LYS B 310 7.57 12.07 17.61
N THR B 311 8.54 11.39 18.14
CA THR B 311 8.48 9.93 18.42
C THR B 311 8.23 9.76 19.89
N ILE B 312 7.83 8.55 20.28
CA ILE B 312 7.50 8.25 21.68
C ILE B 312 8.66 7.56 22.32
N GLU B 313 9.13 8.15 23.44
CA GLU B 313 10.31 7.68 24.16
C GLU B 313 11.41 7.27 23.21
#